data_3K0B
#
_entry.id   3K0B
#
_cell.length_a   125.949
_cell.length_b   46.156
_cell.length_c   91.376
_cell.angle_alpha   90.00
_cell.angle_beta   131.09
_cell.angle_gamma   90.00
#
_symmetry.space_group_name_H-M   'C 1 2 1'
#
loop_
_entity.id
_entity.type
_entity.pdbx_description
1 polymer 'predicted N6-adenine-specific DNA methylase'
2 non-polymer 1,2-ETHANEDIOL
3 non-polymer GLYCEROL
4 water water
#
_entity_poly.entity_id   1
_entity_poly.type   'polypeptide(L)'
_entity_poly.pdbx_seq_one_letter_code
;SSGRENLYFQG(MSE)KSFQLVATAASGLEAIVGKEVARLGYDPKVENGKVYFEGDLSAIARANLWLRVADRVKIVVGVF
KATTFDELFEKTKALPWEDYLPLDAQFPVAGKSVKSTLYSVPDCQAIVKKAIVNRVSEKYRRSGRL(MSE)ETGALFKLE
VSILKDEVTLTIDTSGAGLHKRGYRLAQGSAPIKET(MSE)AAALVLLTSWHPDRPFYDPVCGSGTIPIEAALIGQNIAP
GFNREFVSETWDW(MSE)PKQVWADARQEAEDLANYDQPLNIIGGDIDARLIEIAKQNAVEAGLGDLITFRQLQVADFQT
EDEYGVVVANPPYGERLEDEEAVRQLYRE(MSE)GIVYKR(MSE)PTWSVYVLTSYELFEEVYGKKATKKRKLYNGYLRT
DLYQYWGPRKPRPKKED
;
_entity_poly.pdbx_strand_id   A
#
loop_
_chem_comp.id
_chem_comp.type
_chem_comp.name
_chem_comp.formula
EDO non-polymer 1,2-ETHANEDIOL 'C2 H6 O2'
GOL non-polymer GLYCEROL 'C3 H8 O3'
#
# COMPACT_ATOMS: atom_id res chain seq x y z
N SER A 1 -4.75 18.52 -8.40
CA SER A 1 -3.24 18.39 -8.24
C SER A 1 -2.49 19.71 -8.29
N SER A 2 -3.08 20.67 -8.96
CA SER A 2 -2.51 22.00 -9.01
C SER A 2 -2.37 22.52 -7.60
N GLY A 3 -3.35 22.19 -6.74
CA GLY A 3 -3.39 22.66 -5.36
C GLY A 3 -3.91 24.08 -5.19
N ARG A 4 -4.53 24.64 -6.22
CA ARG A 4 -4.88 26.07 -6.19
C ARG A 4 -6.39 26.34 -6.27
N GLU A 5 -7.21 25.31 -6.17
CA GLU A 5 -8.65 25.49 -6.34
C GLU A 5 -9.24 26.15 -5.09
N ASN A 6 -10.19 27.06 -5.29
CA ASN A 6 -10.97 27.59 -4.19
C ASN A 6 -11.63 26.44 -3.41
N LEU A 7 -11.63 26.46 -2.06
CA LEU A 7 -12.21 25.31 -1.32
C LEU A 7 -13.74 25.24 -1.36
N TYR A 8 -14.35 26.27 -1.89
CA TYR A 8 -15.80 26.26 -2.02
C TYR A 8 -16.33 25.04 -2.76
N PHE A 9 -15.67 24.63 -3.83
CA PHE A 9 -16.23 23.62 -4.76
C PHE A 9 -16.31 22.21 -4.21
N GLN A 10 -15.59 21.97 -3.12
CA GLN A 10 -15.66 20.70 -2.39
C GLN A 10 -16.47 20.80 -1.10
N GLY A 11 -17.43 21.73 -1.12
CA GLY A 11 -18.42 21.80 -0.09
C GLY A 11 -17.94 22.59 1.09
N MSE A 12 -16.80 23.27 0.93
CA MSE A 12 -16.18 24.09 1.97
C MSE A 12 -15.77 23.22 3.15
O MSE A 12 -15.78 23.67 4.29
CB MSE A 12 -17.16 25.17 2.45
CG MSE A 12 -16.48 26.49 2.74
SE MSE A 12 -15.93 27.18 1.02
CE MSE A 12 -14.24 28.07 1.53
N LYS A 13 -15.44 21.95 2.87
CA LYS A 13 -15.11 20.97 3.92
C LYS A 13 -13.68 20.46 3.67
N SER A 14 -12.79 20.65 4.65
CA SER A 14 -11.45 20.12 4.61
C SER A 14 -11.31 18.98 5.66
N PHE A 15 -10.45 18.00 5.34
CA PHE A 15 -10.16 16.87 6.20
C PHE A 15 -8.68 16.80 6.53
N GLN A 16 -8.41 16.32 7.70
CA GLN A 16 -7.07 15.86 8.11
C GLN A 16 -7.01 14.39 7.72
N LEU A 17 -6.17 14.04 6.74
CA LEU A 17 -6.05 12.68 6.29
C LEU A 17 -4.74 12.10 6.74
N VAL A 18 -4.68 10.76 6.67
CA VAL A 18 -3.44 10.05 6.91
C VAL A 18 -3.38 8.84 5.98
N ALA A 19 -2.21 8.63 5.42
CA ALA A 19 -1.91 7.41 4.65
C ALA A 19 -0.95 6.62 5.48
N THR A 20 -1.40 5.46 5.92
CA THR A 20 -0.58 4.60 6.72
C THR A 20 0.41 3.78 5.87
N ALA A 21 1.51 3.32 6.48
CA ALA A 21 2.57 2.64 5.75
C ALA A 21 3.37 1.78 6.72
N ALA A 22 3.96 0.75 6.17
CA ALA A 22 4.95 -0.03 6.91
C ALA A 22 6.08 0.85 7.37
N SER A 23 6.59 0.57 8.56
CA SER A 23 7.75 1.29 9.06
C SER A 23 8.91 1.22 8.06
N GLY A 24 9.46 2.38 7.69
CA GLY A 24 10.54 2.44 6.71
C GLY A 24 10.08 2.74 5.29
N LEU A 25 8.79 2.58 5.04
CA LEU A 25 8.21 2.93 3.75
C LEU A 25 7.49 4.28 3.69
N GLU A 26 7.47 5.01 4.80
CA GLU A 26 6.73 6.24 4.83
C GLU A 26 7.31 7.30 3.92
N ALA A 27 8.63 7.32 3.70
CA ALA A 27 9.19 8.36 2.88
C ALA A 27 8.70 8.20 1.43
N ILE A 28 8.55 6.96 0.99
CA ILE A 28 8.07 6.69 -0.34
C ILE A 28 6.61 7.13 -0.42
N VAL A 29 5.79 6.79 0.58
CA VAL A 29 4.39 7.23 0.60
C VAL A 29 4.32 8.77 0.59
N GLY A 30 5.25 9.42 1.28
CA GLY A 30 5.27 10.88 1.25
C GLY A 30 5.46 11.43 -0.15
N LYS A 31 6.39 10.85 -0.91
CA LYS A 31 6.62 11.25 -2.30
C LYS A 31 5.39 10.98 -3.16
N GLU A 32 4.67 9.88 -2.91
CA GLU A 32 3.43 9.64 -3.65
C GLU A 32 2.34 10.62 -3.33
N VAL A 33 2.27 11.05 -2.08
CA VAL A 33 1.27 12.04 -1.64
C VAL A 33 1.61 13.44 -2.23
N ALA A 34 2.89 13.76 -2.27
CA ALA A 34 3.34 14.99 -2.95
C ALA A 34 3.03 14.93 -4.46
N ARG A 35 3.17 13.76 -5.06
CA ARG A 35 2.87 13.57 -6.47
C ARG A 35 1.41 13.99 -6.80
N LEU A 36 0.50 13.74 -5.86
CA LEU A 36 -0.89 14.09 -6.00
C LEU A 36 -1.18 15.54 -5.75
N GLY A 37 -0.15 16.29 -5.34
CA GLY A 37 -0.23 17.69 -5.10
C GLY A 37 -0.54 18.11 -3.68
N TYR A 38 -0.51 17.16 -2.76
CA TYR A 38 -0.72 17.42 -1.33
C TYR A 38 0.57 17.60 -0.58
N ASP A 39 0.48 18.12 0.63
CA ASP A 39 1.65 18.47 1.41
C ASP A 39 1.86 17.44 2.53
N PRO A 40 2.77 16.49 2.34
CA PRO A 40 2.92 15.39 3.32
C PRO A 40 3.73 15.75 4.57
N LYS A 41 3.25 15.30 5.72
CA LYS A 41 4.04 15.30 6.94
C LYS A 41 4.33 13.85 7.26
N VAL A 42 5.59 13.47 7.08
CA VAL A 42 6.00 12.08 7.25
C VAL A 42 6.39 11.81 8.69
N GLU A 43 5.76 10.79 9.28
CA GLU A 43 6.11 10.30 10.62
C GLU A 43 6.26 8.80 10.57
N ASN A 44 6.53 8.16 11.72
CA ASN A 44 6.66 6.69 11.76
C ASN A 44 5.35 6.01 11.38
N GLY A 45 5.38 5.29 10.27
CA GLY A 45 4.23 4.55 9.73
C GLY A 45 3.03 5.33 9.29
N LYS A 46 3.20 6.64 9.11
CA LYS A 46 2.02 7.51 8.87
C LYS A 46 2.47 8.71 8.09
N VAL A 47 1.70 9.08 7.07
CA VAL A 47 1.91 10.30 6.34
C VAL A 47 0.63 11.13 6.37
N TYR A 48 0.68 12.24 7.11
CA TYR A 48 -0.45 13.13 7.27
C TYR A 48 -0.50 14.16 6.18
N PHE A 49 -1.71 14.46 5.74
CA PHE A 49 -1.93 15.54 4.78
C PHE A 49 -3.32 16.07 4.80
N GLU A 50 -3.50 17.34 4.49
CA GLU A 50 -4.82 17.95 4.43
C GLU A 50 -5.41 17.70 3.05
N GLY A 51 -6.71 17.45 3.01
CA GLY A 51 -7.36 17.24 1.76
C GLY A 51 -8.84 17.44 1.82
N ASP A 52 -9.43 17.42 0.66
CA ASP A 52 -10.88 17.55 0.49
C ASP A 52 -11.46 16.19 0.05
N LEU A 53 -12.74 16.14 -0.34
CA LEU A 53 -13.35 14.90 -0.80
C LEU A 53 -12.55 14.26 -1.93
N SER A 54 -12.13 15.08 -2.88
CA SER A 54 -11.34 14.55 -4.00
C SER A 54 -10.03 13.90 -3.58
N ALA A 55 -9.42 14.42 -2.51
CA ALA A 55 -8.18 13.86 -1.99
C ALA A 55 -8.39 12.47 -1.48
N ILE A 56 -9.54 12.23 -0.86
CA ILE A 56 -9.87 10.89 -0.39
C ILE A 56 -9.91 9.94 -1.58
N ALA A 57 -10.64 10.33 -2.63
CA ALA A 57 -10.77 9.49 -3.86
C ALA A 57 -9.42 9.26 -4.52
N ARG A 58 -8.69 10.34 -4.79
CA ARG A 58 -7.46 10.29 -5.50
C ARG A 58 -6.38 9.49 -4.76
N ALA A 59 -6.29 9.66 -3.43
CA ALA A 59 -5.29 8.93 -2.66
C ALA A 59 -5.59 7.44 -2.64
N ASN A 60 -6.87 7.08 -2.50
CA ASN A 60 -7.24 5.65 -2.55
C ASN A 60 -6.92 5.07 -3.93
N LEU A 61 -7.17 5.78 -5.01
CA LEU A 61 -6.89 5.29 -6.35
C LEU A 61 -5.41 5.15 -6.60
N TRP A 62 -4.60 6.11 -6.12
CA TRP A 62 -3.22 6.26 -6.60
C TRP A 62 -2.09 5.75 -5.73
N LEU A 63 -2.28 5.70 -4.40
CA LEU A 63 -1.13 5.34 -3.57
C LEU A 63 -0.84 3.86 -3.72
N ARG A 64 0.41 3.56 -4.06
CA ARG A 64 0.89 2.19 -4.29
C ARG A 64 1.59 1.53 -3.11
N VAL A 65 2.09 2.34 -2.16
CA VAL A 65 2.86 1.82 -1.06
C VAL A 65 2.16 2.00 0.29
N ALA A 66 1.08 2.77 0.28
CA ALA A 66 0.25 2.94 1.47
C ALA A 66 -0.63 1.72 1.82
N ASP A 67 -0.83 1.52 3.11
CA ASP A 67 -1.70 0.45 3.56
C ASP A 67 -3.19 0.82 3.46
N ARG A 68 -3.52 2.04 3.84
CA ARG A 68 -4.87 2.54 3.77
C ARG A 68 -4.88 4.07 3.89
N VAL A 69 -6.00 4.68 3.58
CA VAL A 69 -6.18 6.10 3.75
C VAL A 69 -7.31 6.34 4.74
N LYS A 70 -7.02 7.11 5.78
CA LYS A 70 -7.95 7.40 6.86
C LYS A 70 -8.19 8.89 7.09
N ILE A 71 -9.35 9.17 7.66
CA ILE A 71 -9.65 10.50 8.20
C ILE A 71 -9.28 10.59 9.69
N VAL A 72 -8.52 11.60 10.03
CA VAL A 72 -8.17 11.86 11.42
C VAL A 72 -9.27 12.77 11.99
N VAL A 73 -10.09 12.23 12.90
CA VAL A 73 -11.21 12.96 13.46
C VAL A 73 -10.77 13.87 14.58
N GLY A 74 -9.78 13.41 15.32
CA GLY A 74 -9.22 14.23 16.36
C GLY A 74 -8.02 13.58 17.05
N VAL A 75 -7.29 14.39 17.80
CA VAL A 75 -6.09 14.02 18.53
C VAL A 75 -6.08 14.78 19.85
N PHE A 76 -5.85 14.09 20.95
CA PHE A 76 -5.82 14.71 22.28
C PHE A 76 -5.10 13.78 23.24
N LYS A 77 -4.84 14.30 24.43
CA LYS A 77 -4.30 13.49 25.53
C LYS A 77 -5.35 13.05 26.53
N ALA A 78 -5.20 11.83 27.06
CA ALA A 78 -6.10 11.34 28.08
C ALA A 78 -5.41 10.26 28.91
N THR A 79 -5.57 10.39 30.23
CA THR A 79 -5.03 9.41 31.19
C THR A 79 -6.06 8.74 32.07
N THR A 80 -7.33 9.15 31.97
CA THR A 80 -8.39 8.45 32.64
C THR A 80 -9.44 8.14 31.56
N PHE A 81 -10.23 7.11 31.81
CA PHE A 81 -11.30 6.80 30.92
C PHE A 81 -12.33 7.91 30.88
N ASP A 82 -12.55 8.62 31.99
CA ASP A 82 -13.53 9.74 31.96
C ASP A 82 -13.05 10.88 31.08
N GLU A 83 -11.73 11.08 31.03
CA GLU A 83 -11.14 12.09 30.17
C GLU A 83 -11.22 11.67 28.70
N LEU A 84 -10.95 10.38 28.44
CA LEU A 84 -11.11 9.81 27.09
C LEU A 84 -12.56 9.97 26.61
N PHE A 85 -13.50 9.69 27.49
CA PHE A 85 -14.90 9.90 27.23
C PHE A 85 -15.24 11.31 26.82
N GLU A 86 -14.86 12.27 27.67
CA GLU A 86 -15.27 13.66 27.37
C GLU A 86 -14.64 14.19 26.11
N LYS A 87 -13.36 13.90 25.87
CA LYS A 87 -12.67 14.47 24.74
C LYS A 87 -13.09 13.80 23.46
N THR A 88 -13.53 12.55 23.55
CA THR A 88 -14.07 11.86 22.40
C THR A 88 -15.44 12.44 22.05
N LYS A 89 -16.28 12.67 23.05
CA LYS A 89 -17.65 13.18 22.75
C LYS A 89 -17.66 14.62 22.29
N ALA A 90 -16.57 15.34 22.53
CA ALA A 90 -16.44 16.73 22.10
C ALA A 90 -16.17 16.91 20.60
N LEU A 91 -15.83 15.81 19.93
CA LEU A 91 -15.56 15.86 18.50
C LEU A 91 -16.86 15.78 17.73
N PRO A 92 -16.96 16.41 16.57
CA PRO A 92 -18.21 16.50 15.83
C PRO A 92 -18.52 15.24 15.00
N TRP A 93 -18.76 14.15 15.68
CA TRP A 93 -19.02 12.86 15.05
C TRP A 93 -20.17 12.89 14.06
N GLU A 94 -21.15 13.72 14.33
CA GLU A 94 -22.29 13.83 13.46
C GLU A 94 -21.92 14.35 12.04
N ASP A 95 -20.76 14.97 11.89
CA ASP A 95 -20.32 15.47 10.62
C ASP A 95 -19.93 14.32 9.68
N TYR A 96 -19.55 13.20 10.28
CA TYR A 96 -19.12 11.99 9.57
C TYR A 96 -20.12 10.86 9.56
N LEU A 97 -20.92 10.74 10.62
CA LEU A 97 -21.77 9.57 10.81
C LEU A 97 -23.25 9.97 10.60
N PRO A 98 -23.88 9.49 9.55
CA PRO A 98 -25.33 9.67 9.36
C PRO A 98 -26.14 8.92 10.37
N LEU A 99 -27.46 9.17 10.36
CA LEU A 99 -28.38 8.47 11.26
C LEU A 99 -28.22 6.98 11.29
N ASP A 100 -27.97 6.39 10.11
CA ASP A 100 -27.89 4.93 9.98
C ASP A 100 -26.46 4.43 9.90
N ALA A 101 -25.47 5.22 10.33
CA ALA A 101 -24.05 4.77 10.25
C ALA A 101 -23.82 3.53 11.05
N GLN A 102 -23.04 2.60 10.50
CA GLN A 102 -22.46 1.51 11.25
C GLN A 102 -21.04 1.97 11.65
N PHE A 103 -20.72 1.94 12.94
CA PHE A 103 -19.46 2.45 13.41
C PHE A 103 -18.81 1.56 14.44
N PRO A 104 -18.27 0.46 14.00
CA PRO A 104 -17.54 -0.36 14.95
C PRO A 104 -16.22 0.30 15.36
N VAL A 105 -15.75 0.03 16.55
CA VAL A 105 -14.55 0.67 17.11
C VAL A 105 -13.47 -0.34 17.40
N ALA A 106 -12.32 -0.21 16.71
CA ALA A 106 -11.12 -0.99 16.99
C ALA A 106 -10.20 -0.18 17.85
N GLY A 107 -9.31 -0.82 18.60
CA GLY A 107 -8.35 -0.10 19.41
C GLY A 107 -6.93 -0.65 19.41
N LYS A 108 -6.02 0.26 19.77
CA LYS A 108 -4.59 -0.01 19.94
C LYS A 108 -4.10 0.87 21.13
N SER A 109 -3.26 0.35 22.04
CA SER A 109 -2.69 1.17 23.14
C SER A 109 -1.27 0.75 23.41
N VAL A 110 -0.41 1.74 23.50
CA VAL A 110 1.00 1.53 23.73
C VAL A 110 1.56 2.63 24.62
N LYS A 111 2.37 2.19 25.59
CA LYS A 111 3.03 3.07 26.55
C LYS A 111 2.11 4.13 27.15
N SER A 112 0.87 3.73 27.49
CA SER A 112 -0.15 4.66 28.01
C SER A 112 -0.76 4.20 29.31
N THR A 113 -1.15 5.14 30.19
CA THR A 113 -1.91 4.83 31.40
C THR A 113 -3.13 4.01 30.99
N LEU A 114 -3.82 4.42 29.90
CA LEU A 114 -4.99 3.70 29.43
C LEU A 114 -4.59 2.45 28.62
N TYR A 115 -4.27 1.38 29.32
CA TYR A 115 -3.67 0.24 28.66
C TYR A 115 -4.67 -0.76 28.07
N SER A 116 -5.88 -0.83 28.64
CA SER A 116 -6.83 -1.83 28.26
C SER A 116 -7.54 -1.49 26.96
N VAL A 117 -7.22 -2.18 25.88
CA VAL A 117 -7.86 -1.89 24.59
C VAL A 117 -9.38 -2.13 24.67
N PRO A 118 -9.83 -3.24 25.27
CA PRO A 118 -11.28 -3.40 25.31
C PRO A 118 -11.99 -2.28 26.06
N ASP A 119 -11.37 -1.73 27.12
CA ASP A 119 -11.97 -0.60 27.83
C ASP A 119 -11.92 0.66 26.99
N CYS A 120 -10.83 0.90 26.25
CA CYS A 120 -10.80 2.04 25.33
C CYS A 120 -11.89 1.93 24.24
N GLN A 121 -12.07 0.74 23.65
CA GLN A 121 -13.11 0.51 22.67
C GLN A 121 -14.48 0.86 23.25
N ALA A 122 -14.73 0.38 24.48
CA ALA A 122 -16.03 0.58 25.12
C ALA A 122 -16.31 2.04 25.33
N ILE A 123 -15.34 2.75 25.87
CA ILE A 123 -15.55 4.14 26.25
C ILE A 123 -15.66 5.05 25.01
N VAL A 124 -14.88 4.79 23.98
CA VAL A 124 -15.00 5.53 22.73
C VAL A 124 -16.39 5.29 22.10
N LYS A 125 -16.82 4.05 22.05
CA LYS A 125 -18.17 3.76 21.54
C LYS A 125 -19.24 4.52 22.36
N LYS A 126 -19.13 4.44 23.68
CA LYS A 126 -20.05 5.14 24.58
C LYS A 126 -20.14 6.64 24.25
N ALA A 127 -18.98 7.25 24.08
CA ALA A 127 -18.90 8.66 23.82
C ALA A 127 -19.48 9.02 22.48
N ILE A 128 -19.21 8.23 21.44
CA ILE A 128 -19.71 8.54 20.09
C ILE A 128 -21.24 8.42 20.06
N VAL A 129 -21.77 7.36 20.66
CA VAL A 129 -23.20 7.21 20.77
C VAL A 129 -23.82 8.40 21.48
N ASN A 130 -23.16 8.84 22.58
CA ASN A 130 -23.62 9.98 23.37
C ASN A 130 -23.70 11.20 22.43
N ARG A 131 -22.67 11.41 21.64
CA ARG A 131 -22.60 12.57 20.75
C ARG A 131 -23.63 12.55 19.68
N VAL A 132 -23.73 11.48 18.90
CA VAL A 132 -24.72 11.45 17.85
C VAL A 132 -26.14 11.46 18.40
N SER A 133 -26.36 10.88 19.57
CA SER A 133 -27.70 10.88 20.17
C SER A 133 -28.11 12.29 20.54
N GLU A 134 -27.17 13.07 21.06
CA GLU A 134 -27.46 14.43 21.42
C GLU A 134 -27.74 15.26 20.16
N LYS A 135 -26.87 15.12 19.15
CA LYS A 135 -26.93 16.01 17.96
C LYS A 135 -28.02 15.66 16.95
N TYR A 136 -28.47 14.40 16.95
CA TYR A 136 -29.67 14.00 16.21
C TYR A 136 -30.92 13.99 17.13
N ARG A 137 -30.82 14.58 18.31
CA ARG A 137 -31.95 14.78 19.25
C ARG A 137 -32.68 13.47 19.57
N ARG A 138 -31.90 12.44 19.85
CA ARG A 138 -32.41 11.13 20.27
C ARG A 138 -33.42 10.55 19.27
N SER A 139 -33.25 10.91 18.00
CA SER A 139 -34.05 10.38 16.94
C SER A 139 -34.24 8.85 17.06
N GLY A 140 -35.48 8.39 16.91
CA GLY A 140 -35.76 6.94 16.84
C GLY A 140 -35.17 6.32 15.58
N ARG A 141 -34.71 7.19 14.66
CA ARG A 141 -34.09 6.75 13.42
C ARG A 141 -32.62 6.33 13.59
N LEU A 142 -31.99 6.66 14.72
CA LEU A 142 -30.60 6.25 14.91
C LEU A 142 -30.51 4.74 15.06
N MSE A 143 -29.75 4.10 14.17
CA MSE A 143 -29.64 2.66 14.12
C MSE A 143 -28.44 2.31 13.23
O MSE A 143 -28.22 2.94 12.19
CB MSE A 143 -30.87 1.98 13.57
CG MSE A 143 -31.32 2.41 12.18
SE MSE A 143 -33.10 1.58 11.86
CE MSE A 143 -32.94 -0.04 13.00
N GLU A 144 -27.68 1.29 13.60
CA GLU A 144 -26.49 0.93 12.83
C GLU A 144 -26.80 -0.05 11.75
N THR A 145 -27.31 0.47 10.64
CA THR A 145 -27.78 -0.40 9.55
C THR A 145 -27.21 -0.13 8.19
N GLY A 146 -26.54 1.00 8.00
CA GLY A 146 -26.22 1.49 6.67
C GLY A 146 -24.74 1.41 6.33
N ALA A 147 -24.20 2.49 5.82
CA ALA A 147 -22.78 2.48 5.38
C ALA A 147 -21.87 2.30 6.56
N LEU A 148 -20.68 1.78 6.26
CA LEU A 148 -19.69 1.40 7.23
C LEU A 148 -18.56 2.42 7.42
N PHE A 149 -18.44 2.83 8.69
CA PHE A 149 -17.44 3.81 9.14
C PHE A 149 -16.62 3.11 10.24
N LYS A 150 -15.55 2.42 9.84
CA LYS A 150 -14.72 1.62 10.75
C LYS A 150 -13.83 2.62 11.45
N LEU A 151 -14.04 2.70 12.75
CA LEU A 151 -13.33 3.59 13.63
C LEU A 151 -12.19 2.90 14.37
N GLU A 152 -11.15 3.68 14.63
CA GLU A 152 -10.04 3.25 15.47
C GLU A 152 -9.66 4.30 16.49
N VAL A 153 -9.45 3.83 17.71
CA VAL A 153 -8.83 4.61 18.81
C VAL A 153 -7.43 4.08 19.03
N SER A 154 -6.41 4.92 18.79
CA SER A 154 -5.03 4.54 18.93
C SER A 154 -4.40 5.46 19.99
N ILE A 155 -3.87 4.86 21.06
CA ILE A 155 -3.21 5.62 22.16
C ILE A 155 -1.75 5.28 22.21
N LEU A 156 -0.92 6.33 22.14
CA LEU A 156 0.56 6.21 22.20
C LEU A 156 1.10 7.31 23.13
N LYS A 157 1.77 6.90 24.23
CA LYS A 157 2.29 7.85 25.22
C LYS A 157 1.24 8.84 25.70
N ASP A 158 0.02 8.30 25.88
CA ASP A 158 -1.16 9.01 26.41
C ASP A 158 -1.81 9.95 25.38
N GLU A 159 -1.31 9.92 24.16
CA GLU A 159 -1.90 10.68 23.05
C GLU A 159 -2.79 9.78 22.19
N VAL A 160 -4.04 10.23 22.13
CA VAL A 160 -5.14 9.53 21.45
C VAL A 160 -5.37 10.09 20.04
N THR A 161 -5.41 9.20 19.03
CA THR A 161 -5.74 9.55 17.65
C THR A 161 -6.94 8.71 17.29
N LEU A 162 -8.00 9.37 16.83
CA LEU A 162 -9.27 8.76 16.41
C LEU A 162 -9.38 8.88 14.92
N THR A 163 -9.56 7.77 14.23
CA THR A 163 -9.59 7.76 12.77
C THR A 163 -10.79 7.00 12.24
N ILE A 164 -11.15 7.29 10.98
CA ILE A 164 -12.15 6.58 10.20
C ILE A 164 -11.45 6.02 8.95
N ASP A 165 -11.61 4.73 8.68
CA ASP A 165 -11.07 4.09 7.48
C ASP A 165 -11.83 4.49 6.22
N THR A 166 -11.13 5.05 5.23
CA THR A 166 -11.80 5.39 3.95
C THR A 166 -11.63 4.32 2.89
N SER A 167 -10.74 3.33 3.15
CA SER A 167 -10.37 2.43 2.04
C SER A 167 -11.22 1.12 2.02
N GLY A 168 -11.38 0.51 3.17
CA GLY A 168 -12.07 -0.76 3.31
C GLY A 168 -11.03 -1.89 3.38
N ALA A 169 -10.99 -2.71 2.34
CA ALA A 169 -9.91 -3.64 2.23
C ALA A 169 -8.59 -2.89 2.11
N GLY A 170 -7.54 -3.45 2.73
CA GLY A 170 -6.23 -2.82 2.59
C GLY A 170 -5.87 -2.58 1.14
N LEU A 171 -5.17 -1.48 0.92
CA LEU A 171 -4.86 -1.10 -0.47
C LEU A 171 -3.96 -2.10 -1.18
N HIS A 172 -3.23 -2.96 -0.45
CA HIS A 172 -2.44 -3.99 -1.13
C HIS A 172 -3.31 -4.92 -1.92
N LYS A 173 -4.60 -5.05 -1.55
CA LYS A 173 -5.51 -5.89 -2.29
C LYS A 173 -6.03 -5.11 -3.47
N ARG A 174 -5.26 -5.06 -4.53
CA ARG A 174 -5.67 -4.29 -5.70
C ARG A 174 -6.88 -4.92 -6.44
N GLY A 175 -6.99 -6.24 -6.31
CA GLY A 175 -8.04 -6.99 -6.96
C GLY A 175 -7.55 -8.07 -7.92
N TYR A 176 -6.26 -8.04 -8.25
CA TYR A 176 -5.73 -8.94 -9.30
C TYR A 176 -5.21 -10.28 -8.79
N ARG A 177 -5.18 -10.44 -7.47
CA ARG A 177 -4.68 -11.66 -6.83
C ARG A 177 -5.70 -12.31 -5.90
N LEU A 178 -6.98 -12.07 -6.07
CA LEU A 178 -7.91 -12.46 -5.02
C LEU A 178 -7.98 -14.00 -4.93
N ALA A 179 -8.29 -14.49 -3.73
CA ALA A 179 -8.44 -15.92 -3.44
C ALA A 179 -7.12 -16.73 -3.59
N GLN A 180 -5.99 -16.05 -3.37
CA GLN A 180 -4.66 -16.63 -3.55
C GLN A 180 -3.71 -16.51 -2.34
N GLY A 181 -4.25 -16.11 -1.19
CA GLY A 181 -3.49 -16.04 0.04
C GLY A 181 -2.48 -14.91 0.03
N SER A 182 -1.54 -14.96 0.97
CA SER A 182 -0.57 -13.86 1.17
C SER A 182 0.91 -14.29 1.33
N ALA A 183 1.23 -15.56 1.03
CA ALA A 183 2.64 -16.05 0.99
C ALA A 183 3.56 -15.16 0.13
N PRO A 184 3.08 -14.72 -1.02
CA PRO A 184 3.99 -13.93 -1.80
C PRO A 184 4.28 -12.56 -1.18
N ILE A 185 5.17 -11.84 -1.81
CA ILE A 185 5.43 -10.47 -1.45
C ILE A 185 4.14 -9.64 -1.40
N LYS A 186 4.01 -8.83 -0.38
CA LYS A 186 2.87 -7.95 -0.30
C LYS A 186 2.95 -6.94 -1.44
N GLU A 187 1.80 -6.64 -2.08
CA GLU A 187 1.78 -5.79 -3.22
C GLU A 187 2.39 -4.42 -3.00
N THR A 188 2.18 -3.85 -1.82
CA THR A 188 2.74 -2.55 -1.44
C THR A 188 4.25 -2.64 -1.34
N MSE A 189 4.76 -3.76 -0.84
CA MSE A 189 6.19 -3.96 -0.79
C MSE A 189 6.79 -4.14 -2.15
O MSE A 189 7.90 -3.60 -2.45
CB MSE A 189 6.55 -5.19 0.10
CG MSE A 189 8.04 -5.46 0.18
SE MSE A 189 9.04 -4.10 1.20
CE MSE A 189 9.87 -3.08 -0.20
N ALA A 190 6.12 -4.91 -2.99
CA ALA A 190 6.54 -5.03 -4.39
C ALA A 190 6.64 -3.68 -5.14
N ALA A 191 5.62 -2.83 -4.99
CA ALA A 191 5.67 -1.50 -5.55
C ALA A 191 6.81 -0.68 -4.99
N ALA A 192 7.00 -0.75 -3.68
CA ALA A 192 8.13 -0.07 -3.03
C ALA A 192 9.43 -0.49 -3.62
N LEU A 193 9.62 -1.81 -3.82
CA LEU A 193 10.90 -2.30 -4.39
C LEU A 193 11.15 -1.68 -5.74
N VAL A 194 10.14 -1.71 -6.63
CA VAL A 194 10.31 -1.17 -7.96
C VAL A 194 10.66 0.32 -7.87
N LEU A 195 9.96 1.05 -7.01
CA LEU A 195 10.21 2.49 -6.84
C LEU A 195 11.56 2.87 -6.22
N LEU A 196 12.16 1.94 -5.51
CA LEU A 196 13.50 2.12 -4.95
C LEU A 196 14.62 1.84 -5.97
N THR A 197 14.27 1.17 -7.08
CA THR A 197 15.22 0.99 -8.15
C THR A 197 15.28 2.22 -9.04
N SER A 198 16.26 2.18 -9.96
CA SER A 198 16.42 3.08 -11.05
C SER A 198 15.50 2.83 -12.29
N TRP A 199 14.67 1.81 -12.22
CA TRP A 199 13.98 1.35 -13.43
C TRP A 199 13.01 2.38 -14.01
N HIS A 200 12.96 2.45 -15.33
CA HIS A 200 12.00 3.22 -16.10
C HIS A 200 11.56 2.28 -17.22
N PRO A 201 10.30 2.35 -17.69
CA PRO A 201 9.77 1.34 -18.63
C PRO A 201 10.43 1.34 -20.01
N ASP A 202 11.30 2.33 -20.25
CA ASP A 202 12.12 2.28 -21.45
C ASP A 202 13.25 1.26 -21.34
N ARG A 203 13.44 0.68 -20.16
CA ARG A 203 14.48 -0.30 -19.95
C ARG A 203 13.86 -1.66 -19.67
N PRO A 204 14.60 -2.73 -19.99
CA PRO A 204 14.14 -4.06 -19.64
C PRO A 204 14.02 -4.27 -18.14
N PHE A 205 13.10 -5.15 -17.76
CA PHE A 205 12.88 -5.56 -16.38
C PHE A 205 12.80 -7.06 -16.36
N TYR A 206 13.34 -7.68 -15.30
CA TYR A 206 13.30 -9.14 -15.14
C TYR A 206 13.18 -9.49 -13.68
N ASP A 207 12.16 -10.26 -13.31
CA ASP A 207 12.03 -10.90 -12.02
C ASP A 207 12.28 -12.38 -12.23
N PRO A 208 13.44 -12.88 -11.80
CA PRO A 208 13.84 -14.26 -12.07
C PRO A 208 13.27 -15.33 -11.18
N VAL A 209 12.54 -14.95 -10.12
CA VAL A 209 11.86 -15.90 -9.27
C VAL A 209 10.47 -15.34 -8.97
N CYS A 210 9.64 -15.25 -10.00
CA CYS A 210 8.47 -14.37 -9.94
C CYS A 210 7.26 -14.93 -9.29
N GLY A 211 7.22 -16.24 -9.08
CA GLY A 211 6.03 -16.88 -8.57
C GLY A 211 4.78 -16.48 -9.34
N SER A 212 3.75 -16.15 -8.59
CA SER A 212 2.48 -15.70 -9.13
C SER A 212 2.47 -14.30 -9.73
N GLY A 213 3.63 -13.65 -9.82
CA GLY A 213 3.79 -12.50 -10.73
C GLY A 213 3.66 -11.10 -10.12
N THR A 214 3.68 -10.99 -8.80
CA THR A 214 3.41 -9.70 -8.15
C THR A 214 4.38 -8.60 -8.55
N ILE A 215 5.68 -8.91 -8.54
CA ILE A 215 6.67 -7.85 -8.88
C ILE A 215 6.50 -7.37 -10.32
N PRO A 216 6.48 -8.29 -11.31
CA PRO A 216 6.24 -7.81 -12.67
C PRO A 216 4.96 -7.04 -12.85
N ILE A 217 3.86 -7.50 -12.21
CA ILE A 217 2.60 -6.76 -12.29
C ILE A 217 2.73 -5.35 -11.70
N GLU A 218 3.31 -5.22 -10.50
CA GLU A 218 3.45 -3.89 -9.94
C GLU A 218 4.36 -3.01 -10.81
N ALA A 219 5.39 -3.60 -11.43
CA ALA A 219 6.27 -2.84 -12.29
C ALA A 219 5.52 -2.35 -13.53
N ALA A 220 4.69 -3.20 -14.10
CA ALA A 220 3.91 -2.85 -15.27
C ALA A 220 2.97 -1.68 -15.00
N LEU A 221 2.31 -1.76 -13.85
CA LEU A 221 1.39 -0.68 -13.45
C LEU A 221 2.10 0.65 -13.21
N ILE A 222 3.28 0.62 -12.62
CA ILE A 222 4.13 1.81 -12.55
C ILE A 222 4.55 2.31 -13.94
N GLY A 223 4.97 1.37 -14.78
CA GLY A 223 5.48 1.71 -16.07
C GLY A 223 4.47 2.39 -16.98
N GLN A 224 3.22 1.98 -16.88
CA GLN A 224 2.17 2.61 -17.64
C GLN A 224 1.40 3.69 -16.88
N ASN A 225 1.85 4.01 -15.66
CA ASN A 225 1.24 5.06 -14.85
C ASN A 225 -0.24 4.72 -14.62
N ILE A 226 -0.53 3.46 -14.34
CA ILE A 226 -1.87 2.97 -14.05
C ILE A 226 -2.09 3.03 -12.56
N ALA A 227 -3.14 3.70 -12.14
CA ALA A 227 -3.46 3.77 -10.72
C ALA A 227 -3.68 2.38 -10.13
N PRO A 228 -3.05 2.06 -8.96
CA PRO A 228 -3.16 0.72 -8.39
C PRO A 228 -4.56 0.32 -8.04
N GLY A 229 -5.36 1.29 -7.67
CA GLY A 229 -6.72 1.04 -7.23
C GLY A 229 -7.78 1.15 -8.30
N PHE A 230 -7.35 1.17 -9.57
CA PHE A 230 -8.29 1.47 -10.66
C PHE A 230 -9.40 0.43 -10.78
N ASN A 231 -9.11 -0.81 -10.40
CA ASN A 231 -10.08 -1.91 -10.67
C ASN A 231 -10.77 -2.43 -9.42
N ARG A 232 -10.74 -1.66 -8.35
CA ARG A 232 -11.37 -2.04 -7.08
C ARG A 232 -12.25 -0.93 -6.54
N GLU A 233 -13.00 -1.26 -5.49
CA GLU A 233 -13.85 -0.35 -4.79
C GLU A 233 -13.30 0.03 -3.42
N PHE A 234 -13.89 1.08 -2.86
CA PHE A 234 -13.48 1.62 -1.55
C PHE A 234 -14.69 1.84 -0.71
N VAL A 235 -14.55 1.64 0.59
CA VAL A 235 -15.71 1.75 1.49
C VAL A 235 -16.34 3.14 1.45
N SER A 236 -15.53 4.14 1.27
CA SER A 236 -16.03 5.51 1.24
C SER A 236 -16.87 5.86 0.06
N GLU A 237 -16.91 5.00 -0.98
CA GLU A 237 -17.86 5.15 -2.08
C GLU A 237 -19.29 4.93 -1.58
N THR A 238 -19.46 4.34 -0.39
CA THR A 238 -20.81 4.09 0.11
C THR A 238 -21.31 5.18 1.10
N TRP A 239 -20.46 6.16 1.36
CA TRP A 239 -20.78 7.20 2.30
C TRP A 239 -21.69 8.24 1.62
N ASP A 240 -22.84 8.51 2.23
CA ASP A 240 -23.80 9.36 1.48
C ASP A 240 -23.34 10.78 1.31
N TRP A 241 -22.43 11.25 2.15
CA TRP A 241 -21.90 12.59 2.02
C TRP A 241 -20.73 12.77 1.08
N MSE A 242 -20.30 11.69 0.43
CA MSE A 242 -19.30 11.78 -0.63
C MSE A 242 -19.96 11.46 -1.97
O MSE A 242 -20.43 10.35 -2.20
CB MSE A 242 -18.11 10.88 -0.42
CG MSE A 242 -16.88 11.17 -1.40
SE MSE A 242 -15.49 10.20 -0.50
CE MSE A 242 -14.23 10.63 -1.88
N PRO A 243 -20.17 12.49 -2.77
CA PRO A 243 -20.85 12.29 -4.04
C PRO A 243 -20.21 11.25 -4.94
N LYS A 244 -21.04 10.47 -5.62
CA LYS A 244 -20.53 9.55 -6.62
C LYS A 244 -19.72 10.31 -7.70
N GLN A 245 -20.08 11.56 -7.99
CA GLN A 245 -19.33 12.32 -8.98
C GLN A 245 -17.87 12.53 -8.63
N VAL A 246 -17.56 12.65 -7.34
CA VAL A 246 -16.14 12.78 -6.92
C VAL A 246 -15.30 11.58 -7.37
N TRP A 247 -15.89 10.41 -7.20
CA TRP A 247 -15.22 9.15 -7.58
C TRP A 247 -15.18 9.00 -9.10
N ALA A 248 -16.27 9.43 -9.78
CA ALA A 248 -16.30 9.29 -11.22
C ALA A 248 -15.23 10.19 -11.83
N ASP A 249 -15.11 11.40 -11.30
CA ASP A 249 -14.08 12.35 -11.77
C ASP A 249 -12.67 11.80 -11.50
N ALA A 250 -12.49 11.23 -10.33
CA ALA A 250 -11.15 10.67 -9.98
C ALA A 250 -10.79 9.52 -10.90
N ARG A 251 -11.76 8.69 -11.22
CA ARG A 251 -11.51 7.56 -12.11
C ARG A 251 -11.28 7.98 -13.54
N GLN A 252 -12.01 9.00 -13.99
CA GLN A 252 -11.75 9.50 -15.35
C GLN A 252 -10.34 10.10 -15.41
N GLU A 253 -9.96 10.83 -14.37
CA GLU A 253 -8.59 11.38 -14.27
C GLU A 253 -7.58 10.26 -14.34
N ALA A 254 -7.82 9.18 -13.60
CA ALA A 254 -6.85 8.07 -13.57
C ALA A 254 -6.71 7.47 -14.97
N GLU A 255 -7.81 7.30 -15.66
CA GLU A 255 -7.78 6.79 -17.06
C GLU A 255 -6.98 7.72 -17.99
N ASP A 256 -7.18 9.01 -17.80
CA ASP A 256 -6.56 10.03 -18.65
C ASP A 256 -5.06 10.12 -18.41
N LEU A 257 -4.61 9.86 -17.17
CA LEU A 257 -3.21 9.99 -16.85
C LEU A 257 -2.42 8.74 -17.17
N ALA A 258 -3.10 7.63 -17.40
CA ALA A 258 -2.41 6.41 -17.77
C ALA A 258 -1.75 6.57 -19.12
N ASN A 259 -0.63 5.86 -19.27
CA ASN A 259 0.12 5.82 -20.52
C ASN A 259 0.04 4.42 -21.07
N TYR A 260 -1.12 4.09 -21.66
CA TYR A 260 -1.38 2.73 -22.12
C TYR A 260 -0.58 2.36 -23.34
N ASP A 261 0.04 3.35 -23.97
CA ASP A 261 0.90 3.16 -25.15
C ASP A 261 2.37 3.01 -24.80
N GLN A 262 2.74 3.08 -23.52
CA GLN A 262 4.12 2.93 -23.13
C GLN A 262 4.48 1.46 -23.34
N PRO A 263 5.45 1.17 -24.21
CA PRO A 263 5.88 -0.22 -24.39
C PRO A 263 6.56 -0.74 -23.14
N LEU A 264 6.37 -2.04 -22.92
CA LEU A 264 6.96 -2.68 -21.75
C LEU A 264 7.76 -3.90 -22.20
N ASN A 265 8.95 -4.08 -21.63
CA ASN A 265 9.77 -5.27 -21.79
C ASN A 265 10.01 -5.77 -20.38
N ILE A 266 9.09 -6.61 -19.91
CA ILE A 266 9.09 -7.13 -18.59
C ILE A 266 8.94 -8.64 -18.64
N ILE A 267 9.93 -9.32 -18.06
CA ILE A 267 9.94 -10.81 -18.06
C ILE A 267 9.83 -11.26 -16.62
N GLY A 268 8.90 -12.17 -16.35
CA GLY A 268 8.85 -12.87 -15.08
C GLY A 268 9.13 -14.35 -15.27
N GLY A 269 10.15 -14.87 -14.58
CA GLY A 269 10.51 -16.28 -14.73
C GLY A 269 10.30 -17.01 -13.45
N ASP A 270 9.81 -18.25 -13.53
CA ASP A 270 9.70 -19.16 -12.37
C ASP A 270 9.86 -20.57 -12.84
N ILE A 271 10.32 -21.44 -11.97
CA ILE A 271 10.47 -22.83 -12.34
C ILE A 271 9.15 -23.63 -12.38
N ASP A 272 8.12 -23.15 -11.70
CA ASP A 272 6.82 -23.80 -11.56
C ASP A 272 5.83 -23.36 -12.61
N ALA A 273 5.58 -24.22 -13.59
CA ALA A 273 4.66 -23.86 -14.66
C ALA A 273 3.26 -23.51 -14.16
N ARG A 274 2.79 -24.14 -13.10
CA ARG A 274 1.46 -23.83 -12.57
C ARG A 274 1.41 -22.38 -12.00
N LEU A 275 2.51 -21.90 -11.39
CA LEU A 275 2.52 -20.54 -10.88
C LEU A 275 2.61 -19.55 -12.05
N ILE A 276 3.30 -19.93 -13.14
CA ILE A 276 3.34 -19.09 -14.37
C ILE A 276 1.95 -18.93 -15.04
N GLU A 277 1.15 -19.99 -15.07
CA GLU A 277 -0.21 -19.89 -15.55
C GLU A 277 -1.02 -18.96 -14.62
N ILE A 278 -0.85 -19.08 -13.31
CA ILE A 278 -1.53 -18.19 -12.37
C ILE A 278 -1.12 -16.70 -12.58
N ALA A 279 0.17 -16.48 -12.82
CA ALA A 279 0.70 -15.15 -13.04
C ALA A 279 0.05 -14.51 -14.25
N LYS A 280 -0.06 -15.26 -15.35
CA LYS A 280 -0.67 -14.75 -16.58
C LYS A 280 -2.11 -14.33 -16.34
N GLN A 281 -2.85 -15.18 -15.64
CA GLN A 281 -4.24 -14.87 -15.26
C GLN A 281 -4.32 -13.62 -14.37
N ASN A 282 -3.42 -13.53 -13.40
CA ASN A 282 -3.41 -12.35 -12.50
C ASN A 282 -3.16 -11.07 -13.32
N ALA A 283 -2.28 -11.14 -14.32
CA ALA A 283 -1.97 -9.98 -15.12
C ALA A 283 -3.17 -9.58 -15.95
N VAL A 284 -3.90 -10.57 -16.49
CA VAL A 284 -5.15 -10.25 -17.21
C VAL A 284 -6.10 -9.49 -16.24
N GLU A 285 -6.25 -10.01 -15.04
CA GLU A 285 -7.16 -9.38 -14.06
C GLU A 285 -6.71 -7.97 -13.67
N ALA A 286 -5.41 -7.70 -13.73
CA ALA A 286 -4.84 -6.42 -13.41
C ALA A 286 -5.02 -5.45 -14.56
N GLY A 287 -5.61 -5.91 -15.66
CA GLY A 287 -5.81 -5.10 -16.87
C GLY A 287 -4.63 -4.96 -17.81
N LEU A 288 -3.68 -5.89 -17.69
CA LEU A 288 -2.40 -5.79 -18.39
C LEU A 288 -2.33 -6.79 -19.54
N GLY A 289 -3.45 -7.44 -19.86
CA GLY A 289 -3.45 -8.38 -20.97
C GLY A 289 -2.28 -9.33 -20.94
N ASP A 290 -1.54 -9.42 -22.04
CA ASP A 290 -0.32 -10.24 -22.09
C ASP A 290 0.94 -9.37 -22.36
N LEU A 291 0.90 -8.14 -21.84
CA LEU A 291 2.04 -7.22 -21.93
C LEU A 291 3.28 -7.78 -21.24
N ILE A 292 3.11 -8.44 -20.09
CA ILE A 292 4.22 -9.07 -19.40
C ILE A 292 4.50 -10.42 -20.04
N THR A 293 5.80 -10.75 -20.13
CA THR A 293 6.27 -12.02 -20.66
C THR A 293 6.57 -12.93 -19.46
N PHE A 294 5.67 -13.85 -19.14
CA PHE A 294 5.90 -14.85 -18.09
C PHE A 294 6.37 -16.15 -18.71
N ARG A 295 7.44 -16.70 -18.16
CA ARG A 295 8.08 -17.92 -18.70
C ARG A 295 8.40 -18.89 -17.59
N GLN A 296 8.24 -20.18 -17.88
CA GLN A 296 8.88 -21.19 -17.07
C GLN A 296 10.36 -21.14 -17.41
N LEU A 297 11.19 -20.75 -16.45
CA LEU A 297 12.57 -20.30 -16.68
C LEU A 297 13.37 -20.45 -15.43
N GLN A 298 14.36 -21.36 -15.50
CA GLN A 298 15.35 -21.49 -14.43
C GLN A 298 16.36 -20.35 -14.58
N VAL A 299 16.78 -19.81 -13.45
CA VAL A 299 17.72 -18.71 -13.37
C VAL A 299 18.94 -18.92 -14.24
N ALA A 300 19.53 -20.12 -14.18
CA ALA A 300 20.73 -20.41 -14.94
C ALA A 300 20.60 -20.42 -16.46
N ASP A 301 19.35 -20.49 -16.97
CA ASP A 301 19.09 -20.58 -18.40
C ASP A 301 18.78 -19.24 -19.05
N PHE A 302 18.75 -18.15 -18.28
CA PHE A 302 18.44 -16.84 -18.85
C PHE A 302 19.61 -16.37 -19.69
N GLN A 303 19.28 -15.94 -20.91
CA GLN A 303 20.22 -15.27 -21.81
C GLN A 303 19.46 -14.14 -22.47
N THR A 304 20.13 -13.02 -22.66
CA THR A 304 19.52 -11.89 -23.32
C THR A 304 20.56 -11.10 -24.10
N GLU A 305 20.14 -10.44 -25.17
CA GLU A 305 20.94 -9.42 -25.82
C GLU A 305 20.53 -8.02 -25.37
N ASP A 306 19.50 -7.92 -24.53
CA ASP A 306 19.03 -6.64 -24.05
C ASP A 306 20.07 -6.06 -23.06
N GLU A 307 20.23 -4.74 -23.06
CA GLU A 307 21.19 -4.06 -22.20
C GLU A 307 20.46 -3.05 -21.29
N TYR A 308 21.11 -2.67 -20.19
CA TYR A 308 20.65 -1.64 -19.28
C TYR A 308 19.34 -1.98 -18.62
N GLY A 309 19.12 -3.27 -18.35
CA GLY A 309 17.93 -3.70 -17.66
C GLY A 309 18.07 -3.62 -16.16
N VAL A 310 17.00 -4.01 -15.49
CA VAL A 310 16.93 -4.09 -14.05
C VAL A 310 16.36 -5.47 -13.69
N VAL A 311 17.14 -6.22 -12.89
CA VAL A 311 16.63 -7.41 -12.21
C VAL A 311 16.09 -7.00 -10.84
N VAL A 312 14.91 -7.51 -10.50
CA VAL A 312 14.35 -7.33 -9.19
C VAL A 312 13.78 -8.65 -8.71
N ALA A 313 14.22 -9.15 -7.56
CA ALA A 313 13.78 -10.46 -7.07
C ALA A 313 13.53 -10.46 -5.59
N ASN A 314 12.58 -11.28 -5.17
CA ASN A 314 12.37 -11.53 -3.76
C ASN A 314 12.03 -13.00 -3.53
N PRO A 315 13.06 -13.83 -3.56
CA PRO A 315 12.78 -15.28 -3.67
C PRO A 315 12.18 -15.73 -2.36
N PRO A 316 11.15 -16.60 -2.42
CA PRO A 316 10.65 -17.12 -1.16
C PRO A 316 11.80 -17.83 -0.48
N TYR A 317 11.94 -17.60 0.82
CA TYR A 317 13.04 -18.14 1.60
C TYR A 317 12.48 -18.82 2.83
N GLY A 318 12.55 -20.14 2.87
CA GLY A 318 12.27 -20.90 4.09
C GLY A 318 13.60 -21.10 4.78
N GLU A 319 13.64 -20.99 6.10
CA GLU A 319 14.94 -21.01 6.78
C GLU A 319 15.47 -22.42 7.09
N ARG A 320 14.73 -23.46 6.72
CA ARG A 320 15.22 -24.83 6.96
C ARG A 320 16.16 -25.29 5.85
N LEU A 321 16.78 -26.46 6.01
CA LEU A 321 18.02 -26.75 5.30
C LEU A 321 17.75 -26.86 3.82
N GLU A 322 16.72 -27.61 3.46
CA GLU A 322 16.43 -27.85 2.06
C GLU A 322 16.09 -26.58 1.34
N ASP A 323 15.24 -25.75 1.95
CA ASP A 323 14.80 -24.51 1.35
C ASP A 323 15.96 -23.51 1.28
N GLU A 324 16.78 -23.46 2.33
CA GLU A 324 17.95 -22.61 2.31
C GLU A 324 18.98 -23.04 1.27
N GLU A 325 19.16 -24.34 1.11
CA GLU A 325 20.07 -24.83 0.08
C GLU A 325 19.58 -24.50 -1.31
N ALA A 326 18.28 -24.59 -1.55
CA ALA A 326 17.72 -24.23 -2.83
C ALA A 326 17.94 -22.74 -3.09
N VAL A 327 17.77 -21.87 -2.09
CA VAL A 327 17.98 -20.45 -2.31
CA VAL A 327 17.97 -20.44 -2.30
C VAL A 327 19.47 -20.12 -2.47
N ARG A 328 20.35 -20.79 -1.73
CA ARG A 328 21.79 -20.63 -1.97
C ARG A 328 22.14 -20.94 -3.40
N GLN A 329 21.63 -22.06 -3.93
CA GLN A 329 21.92 -22.38 -5.32
C GLN A 329 21.41 -21.32 -6.29
N LEU A 330 20.21 -20.81 -6.02
CA LEU A 330 19.63 -19.74 -6.80
C LEU A 330 20.49 -18.49 -6.82
N TYR A 331 20.93 -18.07 -5.64
CA TYR A 331 21.78 -16.87 -5.56
C TYR A 331 23.11 -17.08 -6.27
N ARG A 332 23.72 -18.25 -6.11
CA ARG A 332 24.94 -18.54 -6.81
C ARG A 332 24.76 -18.48 -8.33
N GLU A 333 23.68 -19.07 -8.81
CA GLU A 333 23.39 -19.05 -10.25
C GLU A 333 23.14 -17.65 -10.75
N MSE A 334 22.43 -16.86 -9.96
CA MSE A 334 22.18 -15.45 -10.34
C MSE A 334 23.48 -14.70 -10.56
O MSE A 334 23.67 -13.94 -11.54
CB MSE A 334 21.41 -14.72 -9.26
CG MSE A 334 19.95 -14.98 -9.26
SE MSE A 334 19.02 -13.88 -7.89
CE MSE A 334 17.72 -15.14 -7.56
N GLY A 335 24.39 -14.87 -9.61
CA GLY A 335 25.64 -14.19 -9.68
C GLY A 335 26.41 -14.55 -10.96
N ILE A 336 26.37 -15.83 -11.32
CA ILE A 336 27.03 -16.32 -12.54
C ILE A 336 26.42 -15.73 -13.80
N VAL A 337 25.09 -15.71 -13.85
CA VAL A 337 24.39 -15.20 -15.02
C VAL A 337 24.57 -13.72 -15.15
N TYR A 338 24.43 -12.95 -14.07
CA TYR A 338 24.35 -11.51 -14.20
C TYR A 338 25.73 -10.90 -14.36
N LYS A 339 26.76 -11.67 -14.04
CA LYS A 339 28.14 -11.30 -14.38
C LYS A 339 28.31 -11.13 -15.90
N ARG A 340 27.52 -11.88 -16.67
CA ARG A 340 27.52 -11.79 -18.14
C ARG A 340 26.69 -10.63 -18.66
N MSE A 341 26.13 -9.85 -17.73
CA MSE A 341 25.23 -8.76 -18.06
C MSE A 341 25.70 -7.51 -17.32
O MSE A 341 24.97 -6.94 -16.49
CB MSE A 341 23.78 -9.10 -17.64
CG MSE A 341 23.15 -10.16 -18.51
SE MSE A 341 21.74 -11.22 -17.71
CE MSE A 341 20.57 -9.78 -17.05
N PRO A 342 26.91 -7.02 -17.64
CA PRO A 342 27.45 -5.91 -16.87
C PRO A 342 26.71 -4.58 -16.98
N THR A 343 25.88 -4.42 -18.01
CA THR A 343 25.12 -3.21 -18.14
C THR A 343 23.85 -3.21 -17.26
N TRP A 344 23.52 -4.32 -16.61
CA TRP A 344 22.25 -4.39 -15.87
C TRP A 344 22.46 -4.05 -14.40
N SER A 345 21.39 -3.57 -13.75
CA SER A 345 21.37 -3.40 -12.31
C SER A 345 20.63 -4.58 -11.74
N VAL A 346 20.89 -4.90 -10.49
CA VAL A 346 20.32 -6.07 -9.79
C VAL A 346 19.90 -5.68 -8.41
N TYR A 347 18.66 -6.00 -8.06
CA TYR A 347 18.11 -5.74 -6.75
C TYR A 347 17.56 -7.02 -6.19
N VAL A 348 17.97 -7.40 -5.00
CA VAL A 348 17.50 -8.61 -4.35
C VAL A 348 17.07 -8.30 -2.92
N LEU A 349 15.79 -8.57 -2.64
CA LEU A 349 15.22 -8.43 -1.31
C LEU A 349 15.24 -9.79 -0.63
N THR A 350 16.02 -9.92 0.43
CA THR A 350 16.16 -11.20 1.12
C THR A 350 16.65 -11.07 2.56
N SER A 351 16.23 -12.03 3.39
CA SER A 351 16.74 -12.13 4.74
C SER A 351 17.81 -13.18 4.86
N TYR A 352 18.18 -13.80 3.75
CA TYR A 352 19.33 -14.73 3.73
C TYR A 352 20.66 -14.00 3.97
N GLU A 353 21.27 -14.32 5.10
CA GLU A 353 22.39 -13.58 5.68
C GLU A 353 23.64 -13.62 4.78
N LEU A 354 23.83 -14.73 4.09
CA LEU A 354 25.04 -14.94 3.27
C LEU A 354 24.83 -14.56 1.83
N PHE A 355 23.80 -13.75 1.54
CA PHE A 355 23.52 -13.41 0.17
C PHE A 355 24.75 -12.89 -0.58
N GLU A 356 25.42 -11.89 -0.03
CA GLU A 356 26.51 -11.26 -0.80
C GLU A 356 27.63 -12.24 -1.10
N GLU A 357 27.95 -13.04 -0.10
CA GLU A 357 28.99 -14.05 -0.21
C GLU A 357 28.65 -15.05 -1.34
N VAL A 358 27.39 -15.51 -1.37
CA VAL A 358 26.91 -16.53 -2.32
C VAL A 358 26.76 -15.93 -3.69
N TYR A 359 26.15 -14.74 -3.78
CA TYR A 359 26.07 -14.07 -5.07
C TYR A 359 27.45 -13.81 -5.67
N GLY A 360 28.42 -13.47 -4.82
CA GLY A 360 29.80 -13.39 -5.22
C GLY A 360 30.40 -12.01 -5.32
N LYS A 361 29.62 -11.00 -4.91
CA LYS A 361 30.05 -9.60 -4.97
C LYS A 361 29.28 -8.83 -3.91
N LYS A 362 29.93 -7.82 -3.31
CA LYS A 362 29.23 -6.96 -2.36
C LYS A 362 28.36 -5.93 -3.10
N ALA A 363 27.21 -5.66 -2.49
CA ALA A 363 26.24 -4.70 -3.05
C ALA A 363 26.78 -3.30 -3.03
N THR A 364 26.28 -2.48 -3.94
CA THR A 364 26.51 -1.06 -3.90
C THR A 364 25.93 -0.41 -2.62
N LYS A 365 24.70 -0.85 -2.32
CA LYS A 365 23.93 -0.31 -1.20
C LYS A 365 23.08 -1.42 -0.58
N LYS A 366 22.88 -1.40 0.74
CA LYS A 366 22.06 -2.39 1.45
C LYS A 366 21.05 -1.63 2.30
N ARG A 367 19.79 -1.63 1.88
CA ARG A 367 18.71 -0.91 2.55
C ARG A 367 18.01 -1.87 3.45
N LYS A 368 17.86 -1.51 4.71
CA LYS A 368 17.17 -2.37 5.66
C LYS A 368 15.67 -2.08 5.61
N LEU A 369 14.85 -3.15 5.49
CA LEU A 369 13.38 -3.04 5.38
C LEU A 369 12.71 -4.05 6.30
N TYR A 370 11.39 -3.93 6.42
CA TYR A 370 10.59 -4.84 7.26
C TYR A 370 9.46 -5.42 6.46
N ARG A 375 12.54 -8.69 9.45
CA ARG A 375 13.65 -7.87 9.00
C ARG A 375 14.23 -8.48 7.74
N THR A 376 14.30 -7.66 6.70
CA THR A 376 14.87 -8.11 5.46
C THR A 376 15.83 -7.03 4.93
N ASP A 377 16.63 -7.39 3.94
CA ASP A 377 17.55 -6.41 3.35
C ASP A 377 17.35 -6.32 1.83
N LEU A 378 17.42 -5.10 1.31
CA LEU A 378 17.40 -4.86 -0.14
C LEU A 378 18.83 -4.59 -0.58
N TYR A 379 19.40 -5.60 -1.24
CA TYR A 379 20.74 -5.52 -1.77
C TYR A 379 20.67 -4.92 -3.17
N GLN A 380 21.42 -3.86 -3.41
CA GLN A 380 21.29 -3.09 -4.65
C GLN A 380 22.67 -3.12 -5.32
N TYR A 381 22.67 -3.58 -6.57
CA TYR A 381 23.86 -3.55 -7.46
C TYR A 381 23.53 -2.55 -8.57
N TRP A 382 24.11 -1.35 -8.45
CA TRP A 382 23.81 -0.29 -9.38
C TRP A 382 24.62 -0.49 -10.64
N GLY A 383 23.96 -0.43 -11.78
CA GLY A 383 24.61 -0.64 -13.05
C GLY A 383 24.93 0.70 -13.67
N PRO A 384 25.51 0.68 -14.87
CA PRO A 384 25.78 1.93 -15.57
C PRO A 384 24.54 2.64 -16.13
C1 EDO B . -7.31 -5.74 5.41
O1 EDO B . -7.71 -6.04 4.08
C2 EDO B . -5.93 -6.27 5.78
O2 EDO B . -4.93 -5.59 5.01
C1 GOL C . -4.04 -0.85 7.60
O1 GOL C . -3.68 -2.21 7.75
C2 GOL C . -3.87 -0.13 8.89
O2 GOL C . -4.98 -0.06 9.73
C3 GOL C . -3.39 1.22 8.72
O3 GOL C . -2.23 1.01 8.08
#